data_4O0K
#
_entry.id   4O0K
#
_cell.length_a   95.280
_cell.length_b   95.280
_cell.length_c   125.250
_cell.angle_alpha   90.000
_cell.angle_beta   90.000
_cell.angle_gamma   120.000
#
_symmetry.space_group_name_H-M   'P 63 2 2'
#
loop_
_entity.id
_entity.type
_entity.pdbx_description
1 polymer 'Dihydrodipicolinate synthetase'
2 non-polymer 1,2-ETHANEDIOL
3 water water
#
_entity_poly.entity_id   1
_entity_poly.type   'polypeptide(L)'
_entity_poly.pdbx_seq_one_letter_code
;MAHHHHHHMLKAEIFSGVIPALMTPCKPDRSPDFDALVRKGQELIGDGMSAVVYCGSMGDWPLLTDAQRMEGVERLVKAG
IPVIVGTGAVNTASAVAHAAHAQKVGAKGLMVIPRVLSRGSAIAAQKAYFKAILSAAPDLPAVIYNSPYYGFATRADLFF
DLRAEHPNLVGF(KPI)EFGGPADMRYAAENITSRDDGVSLMIGVDTAVFHGFVNCGATGAITGIGNVLPKEVIHLCNLS
QAAALGDVDARQRAQELEQALAVLSSFDEGPDLVLYFKHMMVLKGDKEYTLHFNETDALSESQRGYVETQFRLFNTWYAE
WSKLPGAVQRCKA
;
_entity_poly.pdbx_strand_id   A
#
loop_
_chem_comp.id
_chem_comp.type
_chem_comp.name
_chem_comp.formula
EDO non-polymer 1,2-ETHANEDIOL 'C2 H6 O2'
#
# COMPACT_ATOMS: atom_id res chain seq x y z
N HIS A 7 -21.15 15.30 -12.66
CA HIS A 7 -21.32 13.87 -13.07
CA HIS A 7 -21.52 13.91 -13.00
C HIS A 7 -21.16 12.92 -11.89
N HIS A 8 -21.72 11.73 -12.01
CA HIS A 8 -21.53 10.68 -11.01
C HIS A 8 -20.80 9.61 -11.76
N MET A 9 -19.67 9.18 -11.22
CA MET A 9 -18.73 8.34 -11.97
C MET A 9 -18.36 7.17 -11.06
N LEU A 10 -18.16 6.00 -11.66
CA LEU A 10 -17.77 4.81 -10.92
C LEU A 10 -16.32 5.06 -10.47
N LYS A 11 -16.02 4.63 -9.25
CA LYS A 11 -14.64 4.62 -8.76
C LYS A 11 -13.83 3.58 -9.52
N ALA A 12 -12.53 3.80 -9.58
CA ALA A 12 -11.66 2.91 -10.33
C ALA A 12 -11.51 1.59 -9.58
N GLU A 13 -11.82 0.48 -10.26
CA GLU A 13 -11.78 -0.81 -9.61
C GLU A 13 -10.40 -1.20 -9.10
N ILE A 14 -9.35 -0.74 -9.80
CA ILE A 14 -7.98 -1.06 -9.42
C ILE A 14 -7.63 -0.53 -8.04
N PHE A 15 -8.33 0.48 -7.54
CA PHE A 15 -8.09 1.04 -6.21
C PHE A 15 -9.06 0.57 -5.15
N SER A 16 -9.73 -0.54 -5.43
CA SER A 16 -10.60 -1.16 -4.48
C SER A 16 -9.98 -2.42 -3.84
N GLY A 17 -10.45 -2.78 -2.66
CA GLY A 17 -10.03 -4.02 -2.06
C GLY A 17 -8.73 -3.89 -1.28
N VAL A 18 -8.05 -5.01 -1.12
CA VAL A 18 -6.85 -5.11 -0.30
C VAL A 18 -5.66 -5.40 -1.22
N ILE A 19 -4.61 -4.61 -1.04
CA ILE A 19 -3.55 -4.53 -2.06
C ILE A 19 -2.16 -4.50 -1.37
N PRO A 20 -1.44 -5.61 -1.37
CA PRO A 20 -0.11 -5.59 -0.73
C PRO A 20 0.89 -4.81 -1.52
N ALA A 21 1.69 -4.03 -0.81
CA ALA A 21 2.88 -3.44 -1.40
C ALA A 21 4.00 -4.50 -1.20
N LEU A 22 4.35 -5.19 -2.28
CA LEU A 22 5.22 -6.36 -2.20
C LEU A 22 6.64 -5.99 -1.79
N MET A 23 7.22 -6.87 -0.98
CA MET A 23 8.67 -6.87 -0.74
C MET A 23 9.39 -7.50 -1.95
N THR A 24 10.63 -7.06 -2.21
CA THR A 24 11.44 -7.73 -3.20
C THR A 24 12.36 -8.74 -2.50
N PRO A 25 12.13 -10.05 -2.73
CA PRO A 25 13.03 -11.00 -2.06
C PRO A 25 14.39 -10.98 -2.73
N CYS A 26 15.41 -11.24 -1.93
CA CYS A 26 16.79 -11.36 -2.41
C CYS A 26 17.16 -12.82 -2.76
N LYS A 27 17.89 -12.97 -3.86
CA LYS A 27 18.66 -14.21 -4.10
C LYS A 27 19.84 -14.20 -3.12
N PRO A 28 20.56 -15.34 -3.01
CA PRO A 28 21.71 -15.36 -2.13
C PRO A 28 22.81 -14.32 -2.42
N ASP A 29 22.94 -13.87 -3.69
CA ASP A 29 23.87 -12.80 -4.03
C ASP A 29 23.33 -11.37 -3.84
N ARG A 30 22.16 -11.24 -3.20
CA ARG A 30 21.52 -9.96 -2.90
C ARG A 30 21.13 -9.20 -4.16
N SER A 31 20.85 -9.95 -5.23
CA SER A 31 20.13 -9.37 -6.36
C SER A 31 18.65 -9.79 -6.24
N PRO A 32 17.74 -9.11 -6.95
CA PRO A 32 16.33 -9.50 -6.78
C PRO A 32 15.98 -10.87 -7.28
N ASP A 33 15.18 -11.59 -6.51
CA ASP A 33 14.65 -12.88 -6.95
C ASP A 33 13.27 -12.68 -7.57
N PHE A 34 13.23 -12.46 -8.87
CA PHE A 34 11.98 -12.13 -9.56
C PHE A 34 11.03 -13.33 -9.59
N ASP A 35 11.58 -14.52 -9.68
CA ASP A 35 10.71 -15.71 -9.63
C ASP A 35 9.95 -15.76 -8.31
N ALA A 36 10.64 -15.49 -7.20
CA ALA A 36 10.01 -15.48 -5.90
C ALA A 36 9.01 -14.33 -5.75
N LEU A 37 9.34 -13.15 -6.29
CA LEU A 37 8.40 -12.03 -6.30
C LEU A 37 7.08 -12.42 -6.96
N VAL A 38 7.16 -13.02 -8.16
CA VAL A 38 5.95 -13.44 -8.87
C VAL A 38 5.21 -14.51 -8.07
N ARG A 39 5.91 -15.50 -7.50
CA ARG A 39 5.26 -16.51 -6.70
C ARG A 39 4.45 -15.90 -5.57
N LYS A 40 5.04 -14.95 -4.87
CA LYS A 40 4.32 -14.36 -3.74
C LYS A 40 3.17 -13.52 -4.21
N GLY A 41 3.37 -12.75 -5.25
CA GLY A 41 2.27 -12.00 -5.83
C GLY A 41 1.08 -12.87 -6.21
N GLN A 42 1.35 -13.99 -6.88
CA GLN A 42 0.29 -14.95 -7.23
C GLN A 42 -0.39 -15.55 -6.00
N GLU A 43 0.40 -15.89 -5.00
CA GLU A 43 -0.14 -16.44 -3.78
C GLU A 43 -1.09 -15.46 -3.12
N LEU A 44 -0.67 -14.19 -3.07
CA LEU A 44 -1.46 -13.20 -2.34
C LEU A 44 -2.76 -12.90 -3.06
N ILE A 45 -2.72 -12.83 -4.39
CA ILE A 45 -3.98 -12.73 -5.14
C ILE A 45 -4.87 -13.93 -4.82
N GLY A 46 -4.27 -15.13 -4.82
CA GLY A 46 -5.04 -16.34 -4.48
C GLY A 46 -5.70 -16.31 -3.11
N ASP A 47 -5.04 -15.64 -2.17
CA ASP A 47 -5.51 -15.50 -0.79
C ASP A 47 -6.69 -14.54 -0.69
N GLY A 48 -6.92 -13.76 -1.74
CA GLY A 48 -7.97 -12.78 -1.76
C GLY A 48 -7.60 -11.31 -1.94
N MET A 49 -6.32 -11.02 -2.16
CA MET A 49 -5.92 -9.67 -2.49
C MET A 49 -6.37 -9.30 -3.90
N SER A 50 -6.65 -8.02 -4.12
CA SER A 50 -7.23 -7.61 -5.41
C SER A 50 -6.18 -7.16 -6.44
N ALA A 51 -5.03 -6.71 -5.96
CA ALA A 51 -3.98 -6.15 -6.79
C ALA A 51 -2.71 -6.14 -5.95
N VAL A 52 -1.58 -5.76 -6.55
CA VAL A 52 -0.37 -5.49 -5.78
C VAL A 52 0.22 -4.15 -6.21
N VAL A 53 1.02 -3.57 -5.32
CA VAL A 53 1.82 -2.40 -5.64
C VAL A 53 3.27 -2.83 -5.78
N TYR A 54 3.92 -2.45 -6.87
CA TYR A 54 5.34 -2.69 -7.05
C TYR A 54 5.94 -1.60 -7.94
N CYS A 55 7.14 -1.06 -7.67
CA CYS A 55 7.98 -1.26 -6.49
C CYS A 55 7.83 -0.05 -5.59
N GLY A 56 7.22 -0.27 -4.43
CA GLY A 56 7.06 0.80 -3.41
C GLY A 56 8.16 0.79 -2.36
N SER A 57 7.95 1.53 -1.26
CA SER A 57 8.99 1.50 -0.24
CA SER A 57 8.93 1.51 -0.21
C SER A 57 9.11 0.10 0.35
N MET A 58 7.99 -0.62 0.45
CA MET A 58 8.09 -2.02 0.92
C MET A 58 9.01 -2.87 0.03
N GLY A 59 9.09 -2.51 -1.24
CA GLY A 59 9.89 -3.23 -2.21
C GLY A 59 11.32 -2.82 -2.31
N ASP A 60 11.74 -1.93 -1.41
CA ASP A 60 13.13 -1.40 -1.38
C ASP A 60 13.49 -0.61 -2.63
N TRP A 61 12.53 0.18 -3.14
CA TRP A 61 12.85 0.90 -4.38
C TRP A 61 14.17 1.68 -4.45
N PRO A 62 14.57 2.40 -3.38
CA PRO A 62 15.82 3.13 -3.52
C PRO A 62 17.04 2.26 -3.66
N LEU A 63 16.94 0.97 -3.29
CA LEU A 63 18.05 0.06 -3.31
C LEU A 63 18.19 -0.69 -4.63
N LEU A 64 17.20 -0.54 -5.51
CA LEU A 64 17.15 -1.22 -6.81
C LEU A 64 17.35 -0.25 -7.95
N THR A 65 17.88 -0.75 -9.06
CA THR A 65 17.95 0.11 -10.25
C THR A 65 16.58 0.26 -10.88
N ASP A 66 16.41 1.29 -11.70
CA ASP A 66 15.16 1.43 -12.43
C ASP A 66 14.89 0.19 -13.29
N ALA A 67 15.92 -0.32 -13.94
CA ALA A 67 15.76 -1.53 -14.76
C ALA A 67 15.23 -2.73 -13.98
N GLN A 68 15.74 -2.88 -12.77
CA GLN A 68 15.30 -4.00 -11.90
C GLN A 68 13.83 -3.83 -11.54
N ARG A 69 13.43 -2.62 -11.20
CA ARG A 69 12.05 -2.41 -10.84
C ARG A 69 11.13 -2.71 -12.02
N MET A 70 11.52 -2.21 -13.19
CA MET A 70 10.74 -2.42 -14.39
C MET A 70 10.66 -3.90 -14.78
N GLU A 71 11.75 -4.64 -14.57
CA GLU A 71 11.73 -6.09 -14.79
CA GLU A 71 11.71 -6.09 -14.80
C GLU A 71 10.70 -6.74 -13.86
N GLY A 72 10.68 -6.35 -12.60
CA GLY A 72 9.74 -6.91 -11.67
C GLY A 72 8.29 -6.60 -12.06
N VAL A 73 8.05 -5.36 -12.44
CA VAL A 73 6.73 -4.97 -12.90
C VAL A 73 6.33 -5.84 -14.09
N GLU A 74 7.18 -5.93 -15.08
CA GLU A 74 6.91 -6.77 -16.28
CA GLU A 74 6.82 -6.73 -16.26
C GLU A 74 6.55 -8.19 -15.90
N ARG A 75 7.37 -8.77 -15.02
CA ARG A 75 7.15 -10.17 -14.59
C ARG A 75 5.79 -10.33 -13.93
N LEU A 76 5.41 -9.41 -13.06
CA LEU A 76 4.14 -9.49 -12.38
C LEU A 76 2.98 -9.34 -13.36
N VAL A 77 3.09 -8.36 -14.26
CA VAL A 77 2.02 -8.15 -15.25
C VAL A 77 1.88 -9.36 -16.17
N LYS A 78 3.00 -9.90 -16.64
CA LYS A 78 2.96 -11.07 -17.55
C LYS A 78 2.35 -12.28 -16.87
N ALA A 79 2.42 -12.38 -15.53
CA ALA A 79 1.80 -13.45 -14.74
C ALA A 79 0.30 -13.27 -14.57
N GLY A 80 -0.25 -12.15 -15.02
CA GLY A 80 -1.64 -11.85 -14.92
C GLY A 80 -2.09 -11.22 -13.62
N ILE A 81 -1.15 -10.64 -12.89
CA ILE A 81 -1.45 -9.99 -11.62
C ILE A 81 -1.77 -8.53 -11.91
N PRO A 82 -2.84 -7.98 -11.30
CA PRO A 82 -3.12 -6.57 -11.50
C PRO A 82 -2.09 -5.75 -10.74
N VAL A 83 -1.37 -4.88 -11.43
CA VAL A 83 -0.23 -4.15 -10.81
C VAL A 83 -0.47 -2.67 -10.82
N ILE A 84 -0.27 -2.07 -9.66
CA ILE A 84 -0.19 -0.60 -9.50
C ILE A 84 1.29 -0.31 -9.41
N VAL A 85 1.80 0.54 -10.30
CA VAL A 85 3.25 0.76 -10.33
C VAL A 85 3.64 1.93 -9.45
N GLY A 86 4.63 1.69 -8.58
CA GLY A 86 5.23 2.78 -7.80
C GLY A 86 6.22 3.61 -8.60
N THR A 87 6.05 4.92 -8.57
CA THR A 87 6.88 5.85 -9.32
C THR A 87 7.89 6.58 -8.47
N GLY A 88 8.14 6.11 -7.24
CA GLY A 88 9.16 6.74 -6.42
C GLY A 88 10.46 6.84 -7.18
N ALA A 89 11.14 7.99 -7.06
CA ALA A 89 12.33 8.23 -7.86
C ALA A 89 13.19 9.34 -7.27
N VAL A 90 14.44 9.33 -7.70
CA VAL A 90 15.45 10.33 -7.32
C VAL A 90 15.29 11.61 -8.17
N ASN A 91 14.64 11.50 -9.33
CA ASN A 91 14.46 12.62 -10.21
C ASN A 91 13.28 12.45 -11.17
N THR A 92 12.85 13.53 -11.78
CA THR A 92 11.69 13.55 -12.67
C THR A 92 11.83 12.56 -13.82
N ALA A 93 13.01 12.50 -14.42
CA ALA A 93 13.17 11.66 -15.56
C ALA A 93 12.94 10.17 -15.21
N SER A 94 13.42 9.80 -14.04
CA SER A 94 13.24 8.43 -13.53
C SER A 94 11.76 8.15 -13.27
N ALA A 95 11.09 9.04 -12.53
CA ALA A 95 9.67 8.84 -12.21
C ALA A 95 8.87 8.73 -13.49
N VAL A 96 9.14 9.59 -14.45
CA VAL A 96 8.40 9.59 -15.70
C VAL A 96 8.66 8.27 -16.46
N ALA A 97 9.91 7.80 -16.43
CA ALA A 97 10.23 6.51 -17.04
C ALA A 97 9.46 5.33 -16.43
N HIS A 98 9.31 5.34 -15.10
CA HIS A 98 8.51 4.33 -14.46
C HIS A 98 7.08 4.36 -14.93
N ALA A 99 6.51 5.55 -15.01
CA ALA A 99 5.13 5.72 -15.44
C ALA A 99 4.95 5.31 -16.89
N ALA A 100 5.90 5.70 -17.74
CA ALA A 100 5.77 5.38 -19.17
C ALA A 100 5.84 3.89 -19.35
N HIS A 101 6.73 3.24 -18.62
CA HIS A 101 6.86 1.79 -18.70
C HIS A 101 5.62 1.09 -18.21
N ALA A 102 5.03 1.58 -17.12
CA ALA A 102 3.79 1.02 -16.60
C ALA A 102 2.71 0.99 -17.68
N GLN A 103 2.55 2.11 -18.37
CA GLN A 103 1.55 2.16 -19.43
C GLN A 103 1.92 1.21 -20.57
N LYS A 104 3.20 1.18 -20.92
CA LYS A 104 3.66 0.36 -22.07
C LYS A 104 3.35 -1.11 -21.87
N VAL A 105 3.59 -1.62 -20.66
CA VAL A 105 3.49 -3.06 -20.38
C VAL A 105 2.12 -3.50 -19.92
N GLY A 106 1.22 -2.56 -19.67
CA GLY A 106 -0.15 -2.89 -19.27
C GLY A 106 -0.40 -3.09 -17.80
N ALA A 107 0.36 -2.38 -16.98
CA ALA A 107 -0.06 -2.25 -15.61
C ALA A 107 -1.42 -1.57 -15.53
N LYS A 108 -2.07 -1.76 -14.41
CA LYS A 108 -3.48 -1.33 -14.24
C LYS A 108 -3.63 -0.03 -13.48
N GLY A 109 -2.55 0.45 -12.82
CA GLY A 109 -2.66 1.70 -12.09
C GLY A 109 -1.29 2.25 -11.77
N LEU A 110 -1.31 3.49 -11.30
CA LEU A 110 -0.10 4.24 -11.02
C LEU A 110 -0.16 4.81 -9.57
N MET A 111 0.91 4.63 -8.80
CA MET A 111 1.05 5.26 -7.47
CA MET A 111 1.06 5.25 -7.49
C MET A 111 2.07 6.38 -7.68
N VAL A 112 1.61 7.63 -7.57
CA VAL A 112 2.39 8.88 -7.89
C VAL A 112 3.03 9.30 -6.54
N ILE A 113 4.34 9.21 -6.46
CA ILE A 113 5.08 9.56 -5.27
C ILE A 113 5.70 10.97 -5.48
N PRO A 114 5.68 11.86 -4.48
CA PRO A 114 6.22 13.21 -4.69
C PRO A 114 7.72 13.25 -4.94
N ARG A 115 8.16 14.40 -5.40
CA ARG A 115 9.57 14.72 -5.61
C ARG A 115 10.36 14.72 -4.31
N VAL A 116 11.54 14.13 -4.33
CA VAL A 116 12.43 14.09 -3.17
C VAL A 116 13.83 14.60 -3.51
N LEU A 117 14.56 15.00 -2.47
CA LEU A 117 15.99 15.32 -2.48
C LEU A 117 16.39 16.63 -3.17
N SER A 118 15.65 17.00 -4.17
CA SER A 118 15.83 18.28 -4.89
C SER A 118 14.48 18.99 -4.84
N ARG A 119 14.40 20.19 -4.27
CA ARG A 119 13.17 20.98 -4.22
C ARG A 119 11.92 20.34 -3.57
N GLY A 120 12.19 19.46 -2.62
CA GLY A 120 11.12 18.64 -2.04
C GLY A 120 10.00 19.41 -1.40
N SER A 121 10.34 20.49 -0.72
CA SER A 121 9.32 21.24 -0.01
C SER A 121 8.65 22.30 -0.85
N ALA A 122 9.14 22.49 -2.09
CA ALA A 122 8.55 23.48 -2.97
C ALA A 122 7.29 22.99 -3.66
N ILE A 123 6.16 23.58 -3.33
CA ILE A 123 4.89 23.15 -3.91
C ILE A 123 4.84 23.35 -5.42
N ALA A 124 5.51 24.39 -5.92
CA ALA A 124 5.53 24.62 -7.34
C ALA A 124 6.22 23.44 -8.06
N ALA A 125 7.31 22.96 -7.47
CA ALA A 125 8.06 21.81 -7.96
C ALA A 125 7.14 20.59 -7.94
N GLN A 126 6.43 20.38 -6.84
CA GLN A 126 5.57 19.17 -6.74
C GLN A 126 4.47 19.17 -7.79
N LYS A 127 3.86 20.32 -8.02
CA LYS A 127 2.84 20.39 -9.03
C LYS A 127 3.33 19.99 -10.41
N ALA A 128 4.49 20.53 -10.82
CA ALA A 128 5.05 20.17 -12.12
C ALA A 128 5.46 18.70 -12.22
N TYR A 129 5.96 18.17 -11.11
CA TYR A 129 6.42 16.81 -11.05
C TYR A 129 5.22 15.84 -11.20
N PHE A 130 4.17 16.10 -10.43
CA PHE A 130 2.95 15.29 -10.58
C PHE A 130 2.40 15.36 -11.99
N LYS A 131 2.40 16.56 -12.58
CA LYS A 131 1.90 16.69 -13.97
C LYS A 131 2.73 15.84 -14.94
N ALA A 132 4.05 15.85 -14.75
CA ALA A 132 4.91 15.11 -15.64
C ALA A 132 4.65 13.59 -15.56
N ILE A 133 4.47 13.13 -14.35
CA ILE A 133 4.22 11.70 -14.12
C ILE A 133 2.83 11.28 -14.68
N LEU A 134 1.82 12.02 -14.34
CA LEU A 134 0.45 11.72 -14.82
C LEU A 134 0.38 11.73 -16.32
N SER A 135 1.08 12.69 -16.95
CA SER A 135 1.07 12.86 -18.41
C SER A 135 1.73 11.66 -19.10
N ALA A 136 2.64 10.98 -18.40
CA ALA A 136 3.41 9.87 -18.99
C ALA A 136 2.62 8.56 -19.05
N ALA A 137 1.56 8.46 -18.27
CA ALA A 137 0.70 7.29 -18.28
C ALA A 137 -0.78 7.71 -18.24
N PRO A 138 -1.25 8.42 -19.27
CA PRO A 138 -2.59 8.97 -19.28
C PRO A 138 -3.70 7.96 -19.21
N ASP A 139 -3.45 6.72 -19.63
CA ASP A 139 -4.48 5.71 -19.65
C ASP A 139 -4.59 4.91 -18.36
N LEU A 140 -3.70 5.16 -17.40
CA LEU A 140 -3.70 4.43 -16.15
C LEU A 140 -4.30 5.25 -15.02
N PRO A 141 -5.30 4.71 -14.32
CA PRO A 141 -5.77 5.36 -13.12
C PRO A 141 -4.62 5.57 -12.15
N ALA A 142 -4.58 6.76 -11.52
CA ALA A 142 -3.51 7.15 -10.66
C ALA A 142 -3.96 7.65 -9.32
N VAL A 143 -3.18 7.26 -8.31
N VAL A 143 -3.18 7.30 -8.31
CA VAL A 143 -3.36 7.71 -6.94
CA VAL A 143 -3.37 7.79 -6.97
C VAL A 143 -2.09 8.48 -6.50
C VAL A 143 -2.09 8.52 -6.53
N ILE A 144 -2.26 9.65 -5.85
CA ILE A 144 -1.14 10.40 -5.28
C ILE A 144 -0.95 10.02 -3.85
N TYR A 145 0.27 9.70 -3.51
CA TYR A 145 0.61 9.51 -2.16
CA TYR A 145 0.72 9.35 -2.13
C TYR A 145 0.86 10.79 -1.43
N ASN A 146 0.29 10.93 -0.22
CA ASN A 146 0.38 12.13 0.60
C ASN A 146 0.94 11.70 1.95
N SER A 147 2.03 12.36 2.38
CA SER A 147 2.75 12.04 3.64
C SER A 147 3.52 13.26 4.15
N PRO A 148 3.51 13.48 5.48
CA PRO A 148 4.34 14.56 6.04
C PRO A 148 5.85 14.35 5.85
N TYR A 149 6.25 13.10 5.60
CA TYR A 149 7.65 12.76 5.28
C TYR A 149 8.23 13.71 4.18
N TYR A 150 7.38 14.16 3.25
CA TYR A 150 7.81 15.01 2.10
C TYR A 150 7.96 16.50 2.36
N GLY A 151 7.52 16.95 3.52
CA GLY A 151 7.67 18.36 3.90
C GLY A 151 6.64 19.22 3.19
N PHE A 152 5.55 18.58 2.73
CA PHE A 152 4.43 19.30 2.13
CA PHE A 152 4.47 19.28 2.06
C PHE A 152 3.24 18.35 2.00
N ALA A 153 2.06 18.95 1.92
CA ALA A 153 0.84 18.20 1.77
C ALA A 153 0.17 18.59 0.46
N THR A 154 -0.39 17.61 -0.24
CA THR A 154 -1.28 17.83 -1.36
C THR A 154 -2.65 18.09 -0.77
N ARG A 155 -3.14 19.31 -0.91
CA ARG A 155 -4.46 19.61 -0.40
CA ARG A 155 -4.44 19.75 -0.42
C ARG A 155 -5.45 19.69 -1.55
N ALA A 156 -6.69 20.02 -1.25
CA ALA A 156 -7.74 19.93 -2.22
C ALA A 156 -7.46 20.79 -3.45
N ASP A 157 -6.96 22.01 -3.23
CA ASP A 157 -6.72 22.93 -4.33
C ASP A 157 -5.79 22.33 -5.40
N LEU A 158 -4.63 21.85 -4.96
CA LEU A 158 -3.66 21.22 -5.84
C LEU A 158 -4.24 19.95 -6.45
N PHE A 159 -4.97 19.17 -5.65
CA PHE A 159 -5.47 17.90 -6.17
C PHE A 159 -6.45 18.19 -7.30
N PHE A 160 -7.36 19.14 -7.10
CA PHE A 160 -8.35 19.39 -8.14
C PHE A 160 -7.81 20.13 -9.34
N ASP A 161 -6.77 20.93 -9.14
CA ASP A 161 -6.10 21.56 -10.30
C ASP A 161 -5.41 20.50 -11.14
N LEU A 162 -4.78 19.53 -10.49
CA LEU A 162 -4.17 18.42 -11.24
C LEU A 162 -5.25 17.61 -12.00
N ARG A 163 -6.34 17.27 -11.30
CA ARG A 163 -7.34 16.41 -11.89
C ARG A 163 -8.06 17.07 -13.08
N ALA A 164 -8.19 18.39 -13.02
CA ALA A 164 -8.78 19.13 -14.15
C ALA A 164 -7.98 18.96 -15.44
N GLU A 165 -6.66 18.82 -15.33
CA GLU A 165 -5.81 18.64 -16.51
C GLU A 165 -5.38 17.19 -16.76
N HIS A 166 -5.61 16.34 -15.76
CA HIS A 166 -5.15 14.96 -15.77
C HIS A 166 -6.25 14.06 -15.26
N PRO A 167 -7.17 13.67 -16.16
CA PRO A 167 -8.35 12.96 -15.67
C PRO A 167 -8.09 11.58 -15.11
N ASN A 168 -6.89 11.06 -15.35
CA ASN A 168 -6.46 9.83 -14.73
C ASN A 168 -6.19 9.92 -13.26
N LEU A 169 -6.07 11.14 -12.72
CA LEU A 169 -5.86 11.27 -11.29
C LEU A 169 -7.18 11.04 -10.54
N VAL A 170 -7.32 9.88 -9.92
CA VAL A 170 -8.62 9.46 -9.38
C VAL A 170 -8.54 8.99 -7.98
N GLY A 171 -7.43 9.24 -7.30
CA GLY A 171 -7.27 8.75 -5.94
C GLY A 171 -6.23 9.45 -5.11
N PHE A 172 -6.31 9.18 -3.83
CA PHE A 172 -5.57 9.90 -2.89
C PHE A 172 -5.22 8.99 -1.75
N KPI A 173 -4.04 8.59 -1.59
CA KPI A 173 -3.46 7.56 -0.63
CB KPI A 173 -2.41 6.57 -1.27
CG KPI A 173 -1.66 5.44 -0.26
CD KPI A 173 -0.31 4.64 -0.93
CE KPI A 173 0.58 3.46 0.00
NZ KPI A 173 1.96 2.71 -0.55
CX1 KPI A 173 2.72 1.72 0.17
C1 KPI A 173 2.30 1.04 1.45
CX2 KPI A 173 4.29 1.39 -0.36
O1 KPI A 173 4.61 1.99 -1.37
O2 KPI A 173 5.10 0.57 0.29
C KPI A 173 -2.77 8.26 0.58
O KPI A 173 -1.96 9.23 0.32
N GLU A 174 -3.33 8.13 1.73
CA GLU A 174 -2.86 8.84 2.89
C GLU A 174 -2.14 7.86 3.82
N PHE A 175 -0.87 8.15 4.05
CA PHE A 175 -0.05 7.41 5.06
C PHE A 175 -0.03 8.17 6.37
N GLY A 176 -0.36 9.45 6.34
CA GLY A 176 -0.41 10.26 7.54
C GLY A 176 -1.52 9.89 8.52
N GLY A 177 -1.65 10.70 9.57
CA GLY A 177 -2.53 10.35 10.69
C GLY A 177 -4.03 10.44 10.43
N PRO A 178 -4.82 10.10 11.45
CA PRO A 178 -6.25 10.05 11.18
C PRO A 178 -6.81 11.40 10.81
N ALA A 179 -6.27 12.49 11.36
CA ALA A 179 -6.76 13.82 11.00
C ALA A 179 -6.50 14.14 9.52
N ASP A 180 -5.37 13.68 8.99
CA ASP A 180 -5.07 13.94 7.57
C ASP A 180 -6.03 13.13 6.69
N MET A 181 -6.36 11.91 7.08
CA MET A 181 -7.31 11.07 6.33
CA MET A 181 -7.29 11.06 6.35
C MET A 181 -8.70 11.69 6.40
N ARG A 182 -9.06 12.20 7.54
CA ARG A 182 -10.28 12.91 7.68
C ARG A 182 -10.37 14.16 6.80
N TYR A 183 -9.28 14.92 6.74
CA TYR A 183 -9.20 16.06 5.86
C TYR A 183 -9.49 15.67 4.40
N ALA A 184 -8.86 14.59 3.96
CA ALA A 184 -9.07 14.12 2.61
C ALA A 184 -10.51 13.70 2.38
N ALA A 185 -11.10 12.94 3.30
CA ALA A 185 -12.48 12.52 3.11
C ALA A 185 -13.46 13.69 3.04
N GLU A 186 -13.27 14.67 3.91
CA GLU A 186 -14.16 15.79 4.01
C GLU A 186 -14.03 16.69 2.77
N ASN A 187 -12.79 16.88 2.31
CA ASN A 187 -12.54 17.92 1.32
C ASN A 187 -12.14 17.46 -0.07
N ILE A 188 -11.76 16.20 -0.22
CA ILE A 188 -11.35 15.70 -1.52
C ILE A 188 -12.15 14.53 -2.06
N THR A 189 -12.28 13.48 -1.29
CA THR A 189 -12.66 12.19 -1.84
C THR A 189 -14.12 11.82 -1.70
N SER A 190 -14.96 12.78 -1.28
CA SER A 190 -16.36 12.46 -1.03
C SER A 190 -17.27 13.13 -2.04
N ARG A 191 -16.67 13.64 -3.12
CA ARG A 191 -17.44 14.11 -4.25
C ARG A 191 -18.01 12.91 -4.99
N ASP A 192 -18.93 13.19 -5.90
CA ASP A 192 -19.67 12.20 -6.68
CA ASP A 192 -19.64 12.14 -6.63
C ASP A 192 -18.86 11.63 -7.86
N ASP A 193 -17.71 12.23 -8.10
CA ASP A 193 -16.96 12.22 -9.34
C ASP A 193 -15.94 11.09 -9.53
N GLY A 194 -16.06 10.00 -8.80
CA GLY A 194 -15.19 8.85 -9.07
C GLY A 194 -13.82 8.87 -8.43
N VAL A 195 -13.64 9.62 -7.35
CA VAL A 195 -12.37 9.73 -6.66
C VAL A 195 -12.37 8.82 -5.45
N SER A 196 -11.26 8.15 -5.23
CA SER A 196 -11.10 7.12 -4.20
C SER A 196 -10.06 7.53 -3.16
N LEU A 197 -10.43 7.42 -1.89
CA LEU A 197 -9.44 7.45 -0.79
C LEU A 197 -8.93 6.04 -0.54
N MET A 198 -7.63 5.89 -0.50
CA MET A 198 -6.98 4.65 -0.20
CA MET A 198 -7.02 4.60 -0.18
C MET A 198 -6.28 4.73 1.14
N ILE A 199 -6.47 3.73 2.00
CA ILE A 199 -5.68 3.65 3.22
C ILE A 199 -4.25 3.38 2.87
N GLY A 200 -3.32 4.15 3.42
CA GLY A 200 -1.92 3.98 3.05
C GLY A 200 -0.95 3.76 4.16
N VAL A 201 -1.47 3.37 5.33
CA VAL A 201 -0.67 2.91 6.45
C VAL A 201 -1.46 1.85 7.19
N ASP A 202 -0.75 0.84 7.71
CA ASP A 202 -1.43 -0.37 8.20
C ASP A 202 -2.29 -0.14 9.43
N THR A 203 -2.03 0.96 10.15
CA THR A 203 -2.71 1.22 11.41
C THR A 203 -4.03 1.98 11.22
N ALA A 204 -4.39 2.36 10.00
CA ALA A 204 -5.54 3.24 9.78
C ALA A 204 -6.69 2.57 9.04
N VAL A 205 -6.75 1.24 9.06
CA VAL A 205 -7.72 0.51 8.26
C VAL A 205 -9.19 0.79 8.67
N PHE A 206 -9.51 0.61 9.93
CA PHE A 206 -10.88 0.83 10.37
C PHE A 206 -11.31 2.30 10.18
N HIS A 207 -10.46 3.21 10.62
CA HIS A 207 -10.74 4.62 10.47
C HIS A 207 -10.96 4.97 8.99
N GLY A 208 -10.09 4.45 8.13
CA GLY A 208 -10.23 4.73 6.73
C GLY A 208 -11.54 4.27 6.12
N PHE A 209 -11.88 2.99 6.33
CA PHE A 209 -13.12 2.47 5.73
C PHE A 209 -14.36 3.06 6.34
N VAL A 210 -14.40 3.17 7.68
CA VAL A 210 -15.66 3.51 8.34
C VAL A 210 -15.82 5.00 8.48
N ASN A 211 -14.79 5.69 8.97
CA ASN A 211 -14.90 7.10 9.21
C ASN A 211 -14.58 7.98 7.99
N CYS A 212 -13.93 7.42 6.99
CA CYS A 212 -13.39 8.22 5.89
C CYS A 212 -13.86 7.74 4.49
N GLY A 213 -14.67 6.69 4.40
CA GLY A 213 -15.19 6.27 3.08
C GLY A 213 -14.18 5.65 2.13
N ALA A 214 -13.08 5.11 2.67
CA ALA A 214 -12.02 4.53 1.83
C ALA A 214 -12.57 3.39 0.95
N THR A 215 -12.00 3.24 -0.23
CA THR A 215 -12.38 2.20 -1.16
C THR A 215 -11.49 0.99 -1.08
N GLY A 216 -10.30 1.16 -0.52
CA GLY A 216 -9.32 0.07 -0.53
C GLY A 216 -8.16 0.41 0.39
N ALA A 217 -7.27 -0.56 0.61
CA ALA A 217 -6.12 -0.41 1.49
C ALA A 217 -4.89 -0.98 0.82
N ILE A 218 -3.83 -0.21 0.85
CA ILE A 218 -2.53 -0.73 0.43
C ILE A 218 -1.85 -1.14 1.74
N THR A 219 -1.36 -2.38 1.78
CA THR A 219 -0.98 -3.02 3.04
C THR A 219 0.47 -3.51 3.03
N GLY A 220 1.14 -3.30 4.15
CA GLY A 220 2.45 -3.89 4.40
C GLY A 220 2.34 -5.23 5.12
N ILE A 221 1.69 -5.17 6.29
CA ILE A 221 1.50 -6.37 7.12
CA ILE A 221 1.53 -6.37 7.09
C ILE A 221 0.70 -7.45 6.39
N GLY A 222 -0.17 -7.04 5.45
CA GLY A 222 -0.93 -8.00 4.66
C GLY A 222 -0.12 -8.92 3.78
N ASN A 223 1.14 -8.61 3.51
CA ASN A 223 2.04 -9.57 2.85
C ASN A 223 2.27 -10.81 3.72
N VAL A 224 2.33 -10.59 5.04
CA VAL A 224 2.65 -11.60 6.04
C VAL A 224 1.38 -12.32 6.54
N LEU A 225 0.32 -11.54 6.78
CA LEU A 225 -0.94 -12.00 7.37
C LEU A 225 -2.08 -11.64 6.43
N PRO A 226 -2.04 -12.20 5.21
CA PRO A 226 -3.08 -11.79 4.25
C PRO A 226 -4.49 -12.12 4.70
N LYS A 227 -4.70 -13.31 5.18
CA LYS A 227 -6.09 -13.69 5.53
C LYS A 227 -6.63 -12.83 6.65
N GLU A 228 -5.77 -12.50 7.61
CA GLU A 228 -6.18 -11.71 8.78
C GLU A 228 -6.43 -10.25 8.39
N VAL A 229 -5.58 -9.70 7.49
CA VAL A 229 -5.81 -8.36 7.03
C VAL A 229 -7.05 -8.24 6.15
N ILE A 230 -7.26 -9.20 5.24
CA ILE A 230 -8.52 -9.24 4.48
C ILE A 230 -9.73 -9.35 5.42
N HIS A 231 -9.62 -10.16 6.46
CA HIS A 231 -10.69 -10.28 7.45
C HIS A 231 -11.00 -8.91 8.05
N LEU A 232 -9.96 -8.18 8.45
CA LEU A 232 -10.18 -6.85 9.04
C LEU A 232 -10.80 -5.90 8.03
N CYS A 233 -10.32 -5.92 6.79
CA CYS A 233 -10.88 -5.05 5.76
C CYS A 233 -12.33 -5.39 5.50
N ASN A 234 -12.64 -6.68 5.40
CA ASN A 234 -14.04 -7.11 5.19
C ASN A 234 -14.95 -6.66 6.34
N LEU A 235 -14.51 -6.89 7.56
CA LEU A 235 -15.31 -6.46 8.71
C LEU A 235 -15.51 -4.94 8.68
N SER A 236 -14.45 -4.22 8.34
CA SER A 236 -14.54 -2.77 8.32
C SER A 236 -15.47 -2.28 7.21
N GLN A 237 -15.43 -2.93 6.06
CA GLN A 237 -16.39 -2.59 5.00
C GLN A 237 -17.82 -2.91 5.37
N ALA A 238 -18.04 -4.01 6.07
CA ALA A 238 -19.39 -4.34 6.55
C ALA A 238 -19.86 -3.30 7.59
N ALA A 239 -18.93 -2.86 8.44
CA ALA A 239 -19.22 -1.79 9.40
C ALA A 239 -19.59 -0.50 8.66
N ALA A 240 -18.95 -0.25 7.53
CA ALA A 240 -19.26 0.93 6.75
C ALA A 240 -20.64 0.87 6.13
N LEU A 241 -21.22 -0.31 6.01
CA LEU A 241 -22.63 -0.46 5.61
C LEU A 241 -23.59 -0.24 6.76
N GLY A 242 -23.09 -0.12 7.99
CA GLY A 242 -24.00 0.05 9.12
C GLY A 242 -24.14 -1.14 10.01
N ASP A 243 -23.40 -2.23 9.73
CA ASP A 243 -23.52 -3.42 10.55
C ASP A 243 -23.04 -3.16 12.00
N VAL A 244 -23.82 -3.59 12.98
CA VAL A 244 -23.44 -3.39 14.38
C VAL A 244 -22.33 -4.36 14.79
N ASP A 245 -22.52 -5.65 14.51
CA ASP A 245 -21.55 -6.66 14.96
CA ASP A 245 -21.54 -6.61 14.99
C ASP A 245 -20.19 -6.44 14.33
N ALA A 246 -20.18 -6.22 13.02
CA ALA A 246 -18.91 -6.03 12.33
C ALA A 246 -18.16 -4.81 12.86
N ARG A 247 -18.87 -3.75 13.27
CA ARG A 247 -18.17 -2.55 13.76
C ARG A 247 -17.41 -2.88 15.04
N GLN A 248 -18.03 -3.67 15.91
CA GLN A 248 -17.36 -4.11 17.14
C GLN A 248 -16.20 -5.06 16.84
N ARG A 249 -16.43 -6.07 16.00
CA ARG A 249 -15.40 -7.04 15.70
C ARG A 249 -14.21 -6.44 14.95
N ALA A 250 -14.47 -5.53 14.02
CA ALA A 250 -13.38 -4.87 13.29
C ALA A 250 -12.40 -4.20 14.24
N GLN A 251 -12.95 -3.49 15.22
CA GLN A 251 -12.13 -2.75 16.15
C GLN A 251 -11.32 -3.69 17.04
N GLU A 252 -11.91 -4.82 17.43
CA GLU A 252 -11.18 -5.81 18.24
C GLU A 252 -9.99 -6.35 17.46
N LEU A 253 -10.23 -6.69 16.19
CA LEU A 253 -9.17 -7.23 15.34
C LEU A 253 -8.10 -6.17 15.03
N GLU A 254 -8.50 -4.95 14.73
CA GLU A 254 -7.49 -3.91 14.52
C GLU A 254 -6.63 -3.70 15.75
N GLN A 255 -7.27 -3.66 16.93
CA GLN A 255 -6.52 -3.46 18.16
C GLN A 255 -5.50 -4.58 18.37
N ALA A 256 -5.93 -5.82 18.14
CA ALA A 256 -4.99 -6.93 18.31
C ALA A 256 -3.84 -6.91 17.32
N LEU A 257 -4.11 -6.41 16.12
CA LEU A 257 -3.10 -6.26 15.06
C LEU A 257 -2.24 -5.00 15.20
N ALA A 258 -2.53 -4.16 16.18
CA ALA A 258 -1.97 -2.82 16.19
C ALA A 258 -0.45 -2.80 16.30
N VAL A 259 0.14 -3.62 17.16
CA VAL A 259 1.60 -3.58 17.32
C VAL A 259 2.26 -4.04 16.00
N LEU A 260 1.83 -5.17 15.46
CA LEU A 260 2.44 -5.63 14.22
C LEU A 260 2.23 -4.61 13.10
N SER A 261 1.06 -4.01 13.05
CA SER A 261 0.80 -3.01 12.02
C SER A 261 1.65 -1.76 12.19
N SER A 262 1.98 -1.42 13.43
CA SER A 262 2.74 -0.21 13.71
C SER A 262 4.15 -0.22 13.18
N PHE A 263 4.71 -1.40 12.89
CA PHE A 263 6.03 -1.46 12.23
C PHE A 263 6.01 -0.79 10.87
N ASP A 264 4.83 -0.69 10.24
CA ASP A 264 4.67 -0.03 8.94
C ASP A 264 4.88 1.48 9.00
N GLU A 265 4.84 2.05 10.21
CA GLU A 265 4.97 3.46 10.41
C GLU A 265 6.40 3.95 10.51
N GLY A 266 7.33 3.03 10.76
CA GLY A 266 8.69 3.37 11.08
C GLY A 266 9.68 3.10 9.96
N PRO A 267 10.95 3.44 10.21
CA PRO A 267 11.98 3.29 9.16
C PRO A 267 12.36 1.83 8.88
N ASP A 268 12.08 0.95 9.84
CA ASP A 268 12.55 -0.44 9.76
C ASP A 268 11.46 -1.37 9.23
N LEU A 269 10.44 -0.84 8.53
CA LEU A 269 9.29 -1.66 8.12
C LEU A 269 9.74 -2.84 7.30
N VAL A 270 10.72 -2.69 6.39
CA VAL A 270 11.13 -3.82 5.56
C VAL A 270 11.88 -4.86 6.41
N LEU A 271 12.68 -4.42 7.38
CA LEU A 271 13.38 -5.34 8.30
C LEU A 271 12.33 -6.16 9.10
N TYR A 272 11.33 -5.48 9.62
CA TYR A 272 10.34 -6.19 10.42
C TYR A 272 9.51 -7.12 9.56
N PHE A 273 8.95 -6.65 8.44
CA PHE A 273 8.09 -7.49 7.67
C PHE A 273 8.86 -8.61 6.98
N LYS A 274 10.09 -8.41 6.50
CA LYS A 274 10.83 -9.55 5.96
C LYS A 274 11.07 -10.58 7.08
N HIS A 275 11.38 -10.13 8.29
CA HIS A 275 11.63 -11.10 9.36
C HIS A 275 10.35 -11.88 9.67
N MET A 276 9.21 -11.22 9.67
CA MET A 276 7.95 -11.96 9.87
C MET A 276 7.72 -12.97 8.74
N MET A 277 8.06 -12.65 7.50
CA MET A 277 7.92 -13.60 6.40
C MET A 277 8.77 -14.84 6.70
N VAL A 278 9.97 -14.62 7.22
CA VAL A 278 10.87 -15.71 7.59
C VAL A 278 10.23 -16.52 8.70
N LEU A 279 9.64 -15.88 9.68
CA LEU A 279 9.00 -16.62 10.81
C LEU A 279 7.88 -17.50 10.30
N LYS A 280 7.19 -17.10 9.22
CA LYS A 280 6.14 -17.92 8.61
CA LYS A 280 6.15 -17.86 8.52
C LYS A 280 6.65 -18.97 7.62
N GLY A 281 7.97 -19.07 7.48
CA GLY A 281 8.54 -20.11 6.68
C GLY A 281 9.01 -19.76 5.31
N ASP A 282 8.98 -18.47 4.97
CA ASP A 282 9.44 -18.04 3.65
C ASP A 282 10.92 -17.60 3.72
N LYS A 283 11.87 -18.54 3.57
CA LYS A 283 13.29 -18.28 3.76
C LYS A 283 13.87 -17.29 2.78
N GLU A 284 13.24 -17.12 1.64
CA GLU A 284 13.73 -16.17 0.66
C GLU A 284 13.68 -14.74 1.11
N TYR A 285 13.01 -14.47 2.24
CA TYR A 285 12.96 -13.13 2.83
C TYR A 285 14.03 -12.93 3.89
N THR A 286 15.02 -13.83 3.96
CA THR A 286 16.06 -13.71 4.95
C THR A 286 17.03 -12.52 4.77
N LEU A 287 17.55 -12.37 3.56
CA LEU A 287 18.57 -11.36 3.30
C LEU A 287 17.97 -10.04 2.85
N HIS A 288 18.73 -8.98 3.11
CA HIS A 288 18.42 -7.64 2.60
C HIS A 288 19.42 -7.24 1.54
N PHE A 289 19.04 -6.28 0.71
CA PHE A 289 19.93 -5.81 -0.35
C PHE A 289 21.22 -5.23 0.23
N ASN A 290 21.09 -4.52 1.35
CA ASN A 290 22.29 -4.04 2.05
CA ASN A 290 22.21 -3.99 2.13
C ASN A 290 22.70 -5.08 3.07
N GLU A 291 23.98 -5.45 3.00
CA GLU A 291 24.56 -6.52 3.81
C GLU A 291 24.41 -6.31 5.32
N THR A 292 24.47 -5.07 5.77
CA THR A 292 24.41 -4.77 7.20
C THR A 292 23.03 -4.44 7.73
N ASP A 293 22.03 -4.32 6.87
CA ASP A 293 20.66 -4.02 7.36
C ASP A 293 20.10 -5.28 8.04
N ALA A 294 19.80 -5.15 9.32
CA ALA A 294 19.27 -6.26 10.10
C ALA A 294 18.62 -5.68 11.34
N LEU A 295 17.55 -6.34 11.80
CA LEU A 295 17.05 -6.05 13.16
C LEU A 295 18.10 -6.27 14.24
N SER A 296 18.05 -5.46 15.30
CA SER A 296 18.84 -5.74 16.47
C SER A 296 18.29 -6.94 17.23
N GLU A 297 19.02 -7.45 18.20
CA GLU A 297 18.58 -8.60 18.98
C GLU A 297 17.26 -8.28 19.69
N SER A 298 17.17 -7.09 20.29
CA SER A 298 15.93 -6.73 20.99
C SER A 298 14.76 -6.59 20.03
N GLN A 299 15.01 -5.99 18.86
CA GLN A 299 13.94 -5.82 17.85
C GLN A 299 13.41 -7.14 17.37
N ARG A 300 14.33 -8.07 17.14
CA ARG A 300 13.96 -9.42 16.72
CA ARG A 300 13.97 -9.42 16.73
C ARG A 300 13.14 -10.10 17.82
N GLY A 301 13.60 -10.02 19.07
CA GLY A 301 12.83 -10.59 20.17
C GLY A 301 11.44 -9.98 20.31
N TYR A 302 11.35 -8.66 20.12
CA TYR A 302 10.09 -7.96 20.27
C TYR A 302 9.08 -8.42 19.20
N VAL A 303 9.51 -8.41 17.94
CA VAL A 303 8.58 -8.83 16.91
C VAL A 303 8.23 -10.31 17.04
N GLU A 304 9.18 -11.15 17.46
CA GLU A 304 8.84 -12.58 17.63
C GLU A 304 7.76 -12.78 18.70
N THR A 305 7.93 -12.09 19.82
CA THR A 305 6.97 -12.14 20.90
C THR A 305 5.60 -11.67 20.45
N GLN A 306 5.58 -10.51 19.78
CA GLN A 306 4.33 -9.96 19.34
C GLN A 306 3.65 -10.75 18.24
N PHE A 307 4.44 -11.38 17.37
CA PHE A 307 3.88 -12.24 16.32
C PHE A 307 3.22 -13.47 16.94
N ARG A 308 3.89 -14.13 17.89
CA ARG A 308 3.30 -15.26 18.59
C ARG A 308 2.01 -14.86 19.32
N LEU A 309 2.03 -13.71 20.00
CA LEU A 309 0.88 -13.24 20.73
C LEU A 309 -0.32 -13.06 19.80
N PHE A 310 -0.11 -12.37 18.68
CA PHE A 310 -1.23 -12.11 17.79
C PHE A 310 -1.78 -13.43 17.24
N ASN A 311 -0.87 -14.31 16.82
CA ASN A 311 -1.34 -15.55 16.24
C ASN A 311 -2.13 -16.40 17.22
N THR A 312 -1.69 -16.43 18.47
CA THR A 312 -2.42 -17.16 19.48
C THR A 312 -3.80 -16.56 19.73
N TRP A 313 -3.88 -15.24 19.86
CA TRP A 313 -5.15 -14.58 20.05
C TRP A 313 -6.07 -14.85 18.87
N TYR A 314 -5.56 -14.68 17.65
CA TYR A 314 -6.41 -14.84 16.45
C TYR A 314 -6.93 -16.24 16.28
N ALA A 315 -6.11 -17.22 16.65
CA ALA A 315 -6.56 -18.60 16.48
C ALA A 315 -7.84 -18.86 17.22
N GLU A 316 -8.03 -18.24 18.39
CA GLU A 316 -9.27 -18.46 19.13
CA GLU A 316 -9.23 -18.40 19.24
C GLU A 316 -10.33 -17.43 18.77
N TRP A 317 -9.96 -16.15 18.64
CA TRP A 317 -10.94 -15.14 18.32
C TRP A 317 -11.66 -15.41 17.00
N SER A 318 -10.93 -15.92 16.03
CA SER A 318 -11.46 -16.14 14.67
C SER A 318 -12.48 -17.30 14.61
N LYS A 319 -12.70 -17.99 15.72
CA LYS A 319 -13.75 -19.01 15.78
C LYS A 319 -15.11 -18.45 16.19
N LEU A 320 -15.16 -17.21 16.65
CA LEU A 320 -16.40 -16.64 17.16
C LEU A 320 -17.51 -16.56 16.10
N PRO A 321 -18.77 -16.76 16.51
CA PRO A 321 -19.86 -16.66 15.58
C PRO A 321 -20.20 -15.24 15.17
N GLY A 322 -20.94 -15.11 14.08
CA GLY A 322 -21.50 -13.83 13.67
C GLY A 322 -20.64 -13.20 12.60
N ALA A 323 -20.42 -11.90 12.73
CA ALA A 323 -19.66 -11.17 11.72
C ALA A 323 -18.27 -11.76 11.55
N VAL A 324 -17.65 -12.20 12.65
CA VAL A 324 -16.30 -12.81 12.51
C VAL A 324 -16.29 -13.95 11.46
N GLN A 325 -17.33 -14.82 11.39
CA GLN A 325 -17.35 -15.87 10.37
C GLN A 325 -17.72 -15.33 9.00
N ARG A 326 -18.78 -14.52 8.97
CA ARG A 326 -19.32 -13.96 7.72
C ARG A 326 -18.21 -13.26 6.92
N CYS A 327 -17.35 -12.52 7.60
CA CYS A 327 -16.37 -11.64 6.90
C CYS A 327 -14.97 -12.27 6.67
N LYS A 328 -14.79 -13.56 6.90
CA LYS A 328 -13.50 -14.16 6.58
C LYS A 328 -13.21 -14.09 5.06
N ALA A 329 -11.94 -14.13 4.70
CA ALA A 329 -11.53 -14.07 3.29
C ALA A 329 -12.18 -15.22 2.55
C1 EDO B . 20.38 -4.01 -6.32
O1 EDO B . 20.62 -3.16 -7.45
C2 EDO B . 21.34 -5.17 -6.36
O2 EDO B . 21.06 -6.04 -7.46
C1 EDO C . -7.89 6.29 -16.99
O1 EDO C . -7.81 7.48 -17.79
C2 EDO C . -7.97 6.73 -15.55
O2 EDO C . -9.30 6.62 -15.05
#